data_6S5X
#
_entry.id   6S5X
#
_cell.length_a   48.880
_cell.length_b   48.880
_cell.length_c   144.573
_cell.angle_alpha   90.00
_cell.angle_beta   90.00
_cell.angle_gamma   90.00
#
_symmetry.space_group_name_H-M   'P 41 21 2'
#
loop_
_entity.id
_entity.type
_entity.pdbx_description
1 polymer 'Group B streptococcal R4 surface protein'
2 non-polymer 'SODIUM ION'
3 water water
#
_entity_poly.entity_id   1
_entity_poly.type   'polypeptide(L)'
_entity_poly.pdbx_seq_one_letter_code
;GPLGSDADKNDPAGKDQQVNVGETPKAEDSIGNLPDLPKGTTVAFETPVDTATPGDKPAKVVVTYPDGSKDTVDVTVKVV
DPRT
;
_entity_poly.pdbx_strand_id   A,B
#
loop_
_chem_comp.id
_chem_comp.type
_chem_comp.name
_chem_comp.formula
NA non-polymer 'SODIUM ION' 'Na 1'
#
# COMPACT_ATOMS: atom_id res chain seq x y z
N GLY A 1 -12.74 27.60 11.59
CA GLY A 1 -11.67 26.80 11.01
C GLY A 1 -12.10 25.37 10.76
N PRO A 2 -11.39 24.64 9.91
CA PRO A 2 -11.82 23.29 9.54
C PRO A 2 -11.57 22.28 10.65
N LEU A 3 -12.33 21.20 10.58
CA LEU A 3 -12.03 20.04 11.39
C LEU A 3 -10.74 19.40 10.89
N GLY A 4 -9.88 19.02 11.84
CA GLY A 4 -8.59 18.49 11.48
C GLY A 4 -8.66 17.13 10.79
N SER A 5 -7.57 16.77 10.15
CA SER A 5 -7.50 15.50 9.43
C SER A 5 -7.12 14.36 10.36
N ASP A 6 -7.23 13.13 9.84
CA ASP A 6 -6.73 11.97 10.57
C ASP A 6 -5.24 12.10 10.85
N ALA A 7 -4.46 12.57 9.87
CA ALA A 7 -3.03 12.72 10.11
C ALA A 7 -2.75 13.69 11.25
N ASP A 8 -3.56 14.75 11.35
CA ASP A 8 -3.39 15.76 12.41
C ASP A 8 -3.57 15.13 13.78
N LYS A 9 -4.36 14.08 13.87
CA LYS A 9 -4.77 13.47 15.12
C LYS A 9 -4.07 12.15 15.42
N ASN A 10 -3.07 11.75 14.63
CA ASN A 10 -2.42 10.46 14.80
C ASN A 10 -0.93 10.63 14.64
N ASP A 11 -0.17 9.72 15.23
CA ASP A 11 1.29 9.81 15.20
C ASP A 11 1.89 8.42 15.05
N PRO A 12 2.02 7.94 13.83
CA PRO A 12 2.63 6.61 13.64
C PRO A 12 4.09 6.62 14.05
N ALA A 13 4.52 5.55 14.69
CA ALA A 13 5.88 5.42 15.19
C ALA A 13 6.63 4.40 14.37
N GLY A 14 7.78 4.78 13.85
CA GLY A 14 8.62 3.85 13.12
C GLY A 14 9.22 2.79 14.02
N LYS A 15 9.46 1.62 13.42
CA LYS A 15 10.06 0.47 14.05
C LYS A 15 11.08 -0.13 13.08
N ASP A 16 12.29 -0.35 13.59
CA ASP A 16 13.32 -1.06 12.82
C ASP A 16 12.95 -2.53 12.75
N GLN A 17 13.27 -3.14 11.63
CA GLN A 17 13.10 -4.58 11.51
C GLN A 17 14.36 -5.15 10.88
N GLN A 18 14.56 -6.43 11.13
CA GLN A 18 15.72 -7.17 10.65
C GLN A 18 15.20 -8.29 9.77
N VAL A 19 15.83 -8.47 8.61
CA VAL A 19 15.47 -9.54 7.70
C VAL A 19 16.75 -10.15 7.14
N ASN A 20 16.60 -11.35 6.57
CA ASN A 20 17.71 -12.01 5.91
C ASN A 20 17.79 -11.57 4.46
N VAL A 21 18.99 -11.69 3.90
CA VAL A 21 19.18 -11.41 2.48
C VAL A 21 18.11 -12.12 1.67
N GLY A 22 17.52 -11.42 0.72
CA GLY A 22 16.53 -11.98 -0.16
C GLY A 22 15.10 -11.93 0.33
N GLU A 23 14.88 -11.73 1.63
CA GLU A 23 13.52 -11.71 2.17
C GLU A 23 12.86 -10.39 1.77
N THR A 24 11.53 -10.37 1.76
CA THR A 24 10.83 -9.14 1.40
C THR A 24 10.10 -8.59 2.61
N PRO A 25 10.55 -7.48 3.18
CA PRO A 25 9.88 -6.97 4.37
C PRO A 25 8.51 -6.41 4.04
N LYS A 26 7.65 -6.42 5.05
CA LYS A 26 6.34 -5.79 4.99
C LYS A 26 6.36 -4.46 5.73
N ALA A 27 5.72 -3.46 5.13
CA ALA A 27 5.69 -2.13 5.74
C ALA A 27 5.01 -2.18 7.10
N GLU A 28 4.02 -3.04 7.27
CA GLU A 28 3.34 -3.17 8.57
C GLU A 28 4.32 -3.50 9.69
N ASP A 29 5.39 -4.24 9.41
CA ASP A 29 6.33 -4.63 10.44
C ASP A 29 7.32 -3.51 10.78
N SER A 30 7.23 -2.39 10.08
CA SER A 30 8.01 -1.18 10.34
C SER A 30 7.21 -0.10 11.08
N ILE A 31 6.00 -0.42 11.54
CA ILE A 31 5.16 0.51 12.29
C ILE A 31 4.89 -0.10 13.65
N GLY A 32 5.11 0.66 14.71
CA GLY A 32 5.00 0.10 16.05
C GLY A 32 3.63 0.24 16.69
N ASN A 33 2.73 1.01 16.11
CA ASN A 33 1.43 1.27 16.75
C ASN A 33 0.30 1.23 15.73
N LEU A 34 0.39 0.31 14.78
N LEU A 34 0.34 0.31 14.78
CA LEU A 34 -0.67 0.16 13.79
CA LEU A 34 -0.72 0.31 13.78
C LEU A 34 -2.05 0.05 14.42
C LEU A 34 -2.10 0.04 14.39
N PRO A 35 -2.26 -0.71 15.49
CA PRO A 35 -3.61 -0.81 16.09
C PRO A 35 -4.16 0.50 16.59
N ASP A 36 -3.31 1.46 16.91
CA ASP A 36 -3.77 2.76 17.40
C ASP A 36 -4.11 3.72 16.27
N LEU A 37 -3.86 3.34 15.02
CA LEU A 37 -4.23 4.19 13.91
C LEU A 37 -5.67 3.88 13.49
N PRO A 38 -6.35 4.79 12.80
CA PRO A 38 -7.74 4.52 12.39
C PRO A 38 -7.90 3.22 11.62
N LYS A 39 -9.01 2.53 11.88
N LYS A 39 -9.00 2.53 11.90
CA LYS A 39 -9.38 1.39 11.06
CA LYS A 39 -9.40 1.41 11.05
C LYS A 39 -9.42 1.81 9.60
C LYS A 39 -9.35 1.86 9.60
N GLY A 40 -8.83 1.02 8.74
CA GLY A 40 -8.73 1.31 7.32
C GLY A 40 -7.49 2.04 6.88
N THR A 41 -6.65 2.48 7.81
CA THR A 41 -5.36 3.06 7.46
C THR A 41 -4.50 2.03 6.74
N THR A 42 -3.81 2.46 5.68
CA THR A 42 -2.88 1.61 4.93
C THR A 42 -1.46 2.08 5.16
N VAL A 43 -0.52 1.14 5.04
CA VAL A 43 0.89 1.43 5.14
C VAL A 43 1.61 0.78 3.96
N ALA A 44 2.58 1.50 3.41
CA ALA A 44 3.36 0.99 2.29
C ALA A 44 4.75 1.58 2.34
N PHE A 45 5.71 0.82 1.85
CA PHE A 45 7.02 1.42 1.65
C PHE A 45 6.95 2.42 0.50
N GLU A 46 7.63 3.55 0.64
CA GLU A 46 7.62 4.51 -0.46
C GLU A 46 8.25 3.90 -1.70
N THR A 47 9.33 3.13 -1.49
CA THR A 47 10.10 2.49 -2.53
C THR A 47 10.43 1.08 -2.08
N PRO A 48 10.46 0.11 -2.99
CA PRO A 48 10.88 -1.23 -2.59
C PRO A 48 12.23 -1.25 -1.89
N VAL A 49 12.35 -2.11 -0.90
CA VAL A 49 13.56 -2.22 -0.10
C VAL A 49 14.52 -3.20 -0.77
N ASP A 50 15.77 -2.82 -0.89
CA ASP A 50 16.84 -3.66 -1.42
C ASP A 50 17.31 -4.64 -0.34
N THR A 51 17.10 -5.94 -0.56
CA THR A 51 17.60 -6.93 0.38
C THR A 51 18.57 -7.91 -0.29
N ALA A 52 19.15 -7.54 -1.43
CA ALA A 52 20.04 -8.45 -2.14
C ALA A 52 21.40 -8.57 -1.49
N THR A 53 21.77 -7.61 -0.63
CA THR A 53 23.02 -7.66 0.11
C THR A 53 22.80 -7.16 1.52
N PRO A 54 23.63 -7.57 2.47
CA PRO A 54 23.45 -7.13 3.85
CA PRO A 54 23.46 -7.13 3.85
C PRO A 54 23.76 -5.65 4.01
N GLY A 55 23.16 -5.06 5.03
CA GLY A 55 23.38 -3.68 5.36
C GLY A 55 22.17 -3.05 6.00
N ASP A 56 22.36 -1.83 6.49
CA ASP A 56 21.28 -1.01 7.04
C ASP A 56 20.64 -0.23 5.88
N LYS A 57 19.41 -0.56 5.55
CA LYS A 57 18.76 0.05 4.41
C LYS A 57 17.78 1.10 4.92
N PRO A 58 17.95 2.38 4.61
CA PRO A 58 16.92 3.36 4.99
C PRO A 58 15.71 3.19 4.11
N ALA A 59 14.54 3.39 4.71
CA ALA A 59 13.28 3.25 4.02
C ALA A 59 12.30 4.26 4.59
N LYS A 60 11.21 4.48 3.86
CA LYS A 60 10.15 5.36 4.33
C LYS A 60 8.82 4.62 4.25
N VAL A 61 8.05 4.64 5.33
CA VAL A 61 6.70 4.07 5.33
C VAL A 61 5.71 5.23 5.16
N VAL A 62 4.88 5.13 4.14
CA VAL A 62 3.79 6.07 3.90
C VAL A 62 2.52 5.50 4.52
N VAL A 63 1.95 6.26 5.43
CA VAL A 63 0.77 5.90 6.19
C VAL A 63 -0.38 6.74 5.62
N THR A 64 -1.36 6.09 5.01
CA THR A 64 -2.45 6.79 4.34
C THR A 64 -3.74 6.55 5.11
N TYR A 65 -4.31 7.60 5.63
CA TYR A 65 -5.52 7.51 6.42
C TYR A 65 -6.76 7.51 5.52
N PRO A 66 -7.91 7.07 6.06
CA PRO A 66 -9.12 6.95 5.22
C PRO A 66 -9.61 8.26 4.64
N ASP A 67 -9.28 9.38 5.24
CA ASP A 67 -9.68 10.68 4.69
C ASP A 67 -8.70 11.21 3.65
N GLY A 68 -7.65 10.45 3.34
CA GLY A 68 -6.69 10.84 2.33
C GLY A 68 -5.45 11.55 2.86
N SER A 69 -5.46 12.00 4.11
CA SER A 69 -4.28 12.59 4.68
C SER A 69 -3.24 11.48 4.91
N LYS A 70 -1.99 11.90 5.04
CA LYS A 70 -0.87 10.98 5.11
C LYS A 70 0.15 11.44 6.14
N ASP A 71 0.86 10.45 6.71
CA ASP A 71 2.06 10.65 7.51
C ASP A 71 3.15 9.79 6.89
N THR A 72 4.39 10.21 7.06
N THR A 72 4.42 10.15 7.10
CA THR A 72 5.53 9.38 6.71
CA THR A 72 5.50 9.30 6.61
C THR A 72 6.31 9.06 7.96
C THR A 72 6.61 9.19 7.64
N VAL A 73 7.03 7.95 7.91
CA VAL A 73 7.92 7.57 8.98
C VAL A 73 9.21 7.11 8.34
N ASP A 74 10.34 7.62 8.82
CA ASP A 74 11.65 7.15 8.39
C ASP A 74 12.04 5.94 9.23
N VAL A 75 12.43 4.84 8.59
CA VAL A 75 12.83 3.64 9.31
C VAL A 75 14.09 3.05 8.67
N THR A 76 14.60 2.01 9.33
CA THR A 76 15.75 1.25 8.86
C THR A 76 15.35 -0.20 8.75
N VAL A 77 15.66 -0.84 7.63
CA VAL A 77 15.53 -2.28 7.51
C VAL A 77 16.94 -2.86 7.52
N LYS A 78 17.25 -3.63 8.56
CA LYS A 78 18.58 -4.24 8.67
C LYS A 78 18.54 -5.60 7.96
N VAL A 79 19.41 -5.77 6.97
CA VAL A 79 19.50 -7.01 6.21
C VAL A 79 20.76 -7.73 6.64
N VAL A 80 20.62 -8.98 7.04
CA VAL A 80 21.76 -9.77 7.48
C VAL A 80 21.92 -10.99 6.59
N ASP A 81 23.18 -11.42 6.43
CA ASP A 81 23.48 -12.68 5.78
C ASP A 81 23.41 -13.80 6.82
N PRO A 82 22.52 -14.80 6.68
CA PRO A 82 22.41 -15.88 7.68
C PRO A 82 23.39 -17.06 7.55
N GLY B 1 20.89 -12.18 -22.36
CA GLY B 1 19.89 -11.26 -21.83
C GLY B 1 19.47 -11.63 -20.42
N PRO B 2 18.88 -10.67 -19.71
CA PRO B 2 18.52 -10.89 -18.32
C PRO B 2 17.26 -11.74 -18.17
N LEU B 3 17.14 -12.36 -16.99
CA LEU B 3 15.90 -13.00 -16.59
C LEU B 3 14.83 -11.95 -16.30
N GLY B 4 13.62 -12.22 -16.80
CA GLY B 4 12.56 -11.23 -16.72
C GLY B 4 12.11 -10.97 -15.30
N SER B 5 11.39 -9.88 -15.13
CA SER B 5 10.92 -9.49 -13.82
C SER B 5 9.59 -10.17 -13.51
N ASP B 6 9.19 -10.09 -12.25
CA ASP B 6 7.87 -10.58 -11.86
C ASP B 6 6.79 -9.84 -12.64
N ALA B 7 6.93 -8.53 -12.81
CA ALA B 7 5.92 -7.77 -13.54
C ALA B 7 5.76 -8.29 -14.96
N ASP B 8 6.88 -8.67 -15.59
CA ASP B 8 6.82 -9.19 -16.95
C ASP B 8 6.04 -10.49 -17.05
N LYS B 9 6.03 -11.28 -15.98
CA LYS B 9 5.44 -12.60 -15.99
C LYS B 9 4.03 -12.62 -15.42
N ASN B 10 3.48 -11.48 -15.02
CA ASN B 10 2.17 -11.43 -14.38
C ASN B 10 1.34 -10.33 -15.01
N ASP B 11 0.02 -10.51 -14.94
CA ASP B 11 -0.92 -9.61 -15.61
C ASP B 11 -2.08 -9.35 -14.66
N PRO B 12 -1.91 -8.42 -13.73
CA PRO B 12 -3.02 -8.08 -12.84
C PRO B 12 -4.18 -7.53 -13.65
N ALA B 13 -5.38 -7.95 -13.27
CA ALA B 13 -6.61 -7.59 -13.97
C ALA B 13 -7.44 -6.64 -13.13
N GLY B 14 -7.66 -5.44 -13.65
CA GLY B 14 -8.49 -4.48 -12.93
C GLY B 14 -9.94 -4.90 -12.96
N LYS B 15 -10.66 -4.57 -11.88
CA LYS B 15 -12.10 -4.82 -11.81
C LYS B 15 -12.81 -3.63 -11.18
N ASP B 16 -14.00 -3.30 -11.68
CA ASP B 16 -14.81 -2.29 -11.04
C ASP B 16 -15.19 -2.78 -9.63
N GLN B 17 -15.30 -1.85 -8.68
CA GLN B 17 -15.95 -2.19 -7.41
C GLN B 17 -16.90 -1.04 -7.06
N GLN B 18 -17.92 -1.34 -6.28
CA GLN B 18 -18.91 -0.36 -5.86
C GLN B 18 -18.87 -0.18 -4.36
N VAL B 19 -19.03 1.07 -3.89
CA VAL B 19 -19.11 1.37 -2.47
C VAL B 19 -20.16 2.44 -2.21
N ASN B 20 -20.56 2.58 -0.95
CA ASN B 20 -21.44 3.68 -0.58
C ASN B 20 -20.64 4.94 -0.30
N VAL B 21 -21.33 6.08 -0.43
CA VAL B 21 -20.74 7.35 -0.06
C VAL B 21 -20.10 7.25 1.31
N GLY B 22 -18.87 7.72 1.41
CA GLY B 22 -18.16 7.76 2.67
C GLY B 22 -17.36 6.51 3.00
N GLU B 23 -17.63 5.40 2.32
CA GLU B 23 -16.85 4.20 2.59
C GLU B 23 -15.45 4.34 2.03
N THR B 24 -14.55 3.52 2.57
CA THR B 24 -13.16 3.53 2.12
C THR B 24 -12.88 2.25 1.36
N PRO B 25 -12.75 2.29 0.05
CA PRO B 25 -12.47 1.05 -0.68
C PRO B 25 -11.06 0.56 -0.42
N LYS B 26 -10.87 -0.76 -0.59
CA LYS B 26 -9.56 -1.40 -0.53
C LYS B 26 -9.07 -1.72 -1.92
N ALA B 27 -7.76 -1.53 -2.15
CA ALA B 27 -7.20 -1.79 -3.47
C ALA B 27 -7.33 -3.25 -3.87
N GLU B 28 -7.26 -4.18 -2.91
N GLU B 28 -7.27 -4.18 -2.90
CA GLU B 28 -7.42 -5.60 -3.20
CA GLU B 28 -7.43 -5.59 -3.21
C GLU B 28 -8.75 -5.90 -3.90
C GLU B 28 -8.74 -5.85 -3.95
N ASP B 29 -9.78 -5.10 -3.63
CA ASP B 29 -11.10 -5.31 -4.22
C ASP B 29 -11.21 -4.73 -5.63
N SER B 30 -10.15 -4.07 -6.11
CA SER B 30 -10.10 -3.56 -7.48
C SER B 30 -9.26 -4.44 -8.39
N ILE B 31 -8.73 -5.56 -7.89
CA ILE B 31 -7.92 -6.47 -8.70
C ILE B 31 -8.61 -7.82 -8.66
N GLY B 32 -8.88 -8.37 -9.82
CA GLY B 32 -9.70 -9.54 -9.87
C GLY B 32 -8.98 -10.84 -9.81
N ASN B 33 -7.65 -10.84 -9.94
CA ASN B 33 -6.90 -12.10 -10.01
C ASN B 33 -5.74 -12.10 -9.06
N LEU B 34 -5.95 -11.55 -7.86
CA LEU B 34 -4.90 -11.57 -6.85
C LEU B 34 -4.38 -12.97 -6.56
N PRO B 35 -5.21 -14.00 -6.50
CA PRO B 35 -4.68 -15.34 -6.23
C PRO B 35 -3.66 -15.79 -7.22
N ASP B 36 -3.67 -15.23 -8.42
CA ASP B 36 -2.75 -15.65 -9.47
C ASP B 36 -1.44 -14.88 -9.47
N LEU B 37 -1.30 -13.85 -8.60
CA LEU B 37 -0.08 -13.09 -8.49
C LEU B 37 0.87 -13.67 -7.45
N PRO B 38 2.16 -13.39 -7.54
CA PRO B 38 3.12 -14.00 -6.60
C PRO B 38 2.78 -13.72 -5.14
N LYS B 39 3.02 -14.71 -4.29
CA LYS B 39 2.95 -14.47 -2.86
C LYS B 39 3.77 -13.26 -2.48
N GLY B 40 3.21 -12.39 -1.65
CA GLY B 40 3.95 -11.23 -1.20
C GLY B 40 3.77 -9.98 -2.05
N THR B 41 3.08 -10.08 -3.18
CA THR B 41 2.72 -8.92 -3.98
C THR B 41 1.84 -7.98 -3.16
N THR B 42 2.10 -6.68 -3.24
CA THR B 42 1.26 -5.69 -2.56
C THR B 42 0.45 -4.93 -3.59
N VAL B 43 -0.72 -4.47 -3.15
CA VAL B 43 -1.59 -3.65 -3.98
C VAL B 43 -1.95 -2.42 -3.18
N ALA B 44 -1.88 -1.25 -3.81
CA ALA B 44 -2.25 -0.02 -3.13
C ALA B 44 -2.78 0.96 -4.16
N PHE B 45 -3.70 1.83 -3.73
CA PHE B 45 -4.09 2.92 -4.60
C PHE B 45 -2.96 3.93 -4.71
N GLU B 46 -2.75 4.44 -5.91
CA GLU B 46 -1.71 5.44 -6.11
C GLU B 46 -2.03 6.70 -5.34
N THR B 47 -3.31 7.07 -5.33
CA THR B 47 -3.86 8.26 -4.71
C THR B 47 -5.12 7.88 -3.96
N PRO B 48 -5.39 8.50 -2.81
CA PRO B 48 -6.65 8.23 -2.10
C PRO B 48 -7.87 8.42 -2.99
N VAL B 49 -8.88 7.57 -2.80
CA VAL B 49 -10.12 7.62 -3.58
C VAL B 49 -11.14 8.51 -2.88
N ASP B 50 -11.72 9.45 -3.64
CA ASP B 50 -12.75 10.36 -3.15
C ASP B 50 -14.10 9.64 -3.14
N THR B 51 -14.67 9.44 -1.94
CA THR B 51 -16.01 8.85 -1.84
C THR B 51 -17.01 9.80 -1.17
N ALA B 52 -16.72 11.11 -1.14
CA ALA B 52 -17.61 12.04 -0.44
C ALA B 52 -18.89 12.33 -1.19
N THR B 53 -18.95 12.03 -2.48
CA THR B 53 -20.17 12.17 -3.27
C THR B 53 -20.29 10.98 -4.21
N PRO B 54 -21.52 10.66 -4.63
CA PRO B 54 -21.69 9.59 -5.60
C PRO B 54 -21.03 9.94 -6.93
N GLY B 55 -20.65 8.90 -7.65
CA GLY B 55 -20.09 9.04 -8.99
C GLY B 55 -19.10 7.94 -9.28
N ASP B 56 -18.67 7.89 -10.54
CA ASP B 56 -17.61 6.99 -10.98
C ASP B 56 -16.25 7.65 -10.77
N LYS B 57 -15.46 7.09 -9.88
CA LYS B 57 -14.20 7.67 -9.48
C LYS B 57 -13.04 6.95 -10.15
N PRO B 58 -12.19 7.63 -10.92
CA PRO B 58 -11.00 6.99 -11.46
C PRO B 58 -9.96 6.78 -10.38
N ALA B 59 -9.28 5.63 -10.43
CA ALA B 59 -8.23 5.31 -9.49
C ALA B 59 -7.19 4.48 -10.21
N LYS B 60 -6.01 4.37 -9.61
CA LYS B 60 -4.95 3.54 -10.14
C LYS B 60 -4.43 2.65 -9.02
N VAL B 61 -4.32 1.36 -9.29
CA VAL B 61 -3.76 0.42 -8.35
C VAL B 61 -2.32 0.16 -8.74
N VAL B 62 -1.42 0.36 -7.80
CA VAL B 62 -0.02 0.00 -7.96
C VAL B 62 0.15 -1.40 -7.41
N VAL B 63 0.61 -2.31 -8.26
CA VAL B 63 0.85 -3.70 -7.89
C VAL B 63 2.36 -3.84 -7.82
N THR B 64 2.92 -4.04 -6.61
CA THR B 64 4.37 -4.12 -6.42
C THR B 64 4.74 -5.55 -6.10
N TYR B 65 5.58 -6.13 -6.94
CA TYR B 65 6.02 -7.52 -6.81
C TYR B 65 7.22 -7.61 -5.88
N PRO B 66 7.56 -8.80 -5.38
CA PRO B 66 8.67 -8.91 -4.42
C PRO B 66 10.02 -8.49 -4.96
N ASP B 67 10.24 -8.56 -6.26
CA ASP B 67 11.52 -8.16 -6.81
C ASP B 67 11.62 -6.66 -7.06
N GLY B 68 10.56 -5.91 -6.70
CA GLY B 68 10.53 -4.47 -6.89
C GLY B 68 9.89 -3.99 -8.18
N SER B 69 9.67 -4.88 -9.16
CA SER B 69 8.97 -4.43 -10.35
C SER B 69 7.52 -4.14 -9.98
N LYS B 70 6.86 -3.39 -10.84
N LYS B 70 6.85 -3.40 -10.85
CA LYS B 70 5.51 -2.90 -10.57
CA LYS B 70 5.48 -3.00 -10.54
C LYS B 70 4.67 -2.96 -11.85
C LYS B 70 4.66 -2.84 -11.80
N ASP B 71 3.36 -3.10 -11.66
CA ASP B 71 2.37 -2.85 -12.69
C ASP B 71 1.42 -1.80 -12.11
N THR B 72 0.94 -0.89 -12.94
CA THR B 72 -0.05 0.09 -12.51
C THR B 72 -1.32 -0.17 -13.32
N VAL B 73 -2.44 -0.37 -12.63
CA VAL B 73 -3.69 -0.78 -13.26
C VAL B 73 -4.74 0.31 -13.03
N ASP B 74 -5.31 0.82 -14.12
CA ASP B 74 -6.37 1.83 -14.04
C ASP B 74 -7.71 1.15 -13.74
N VAL B 75 -8.43 1.66 -12.75
CA VAL B 75 -9.71 1.09 -12.36
C VAL B 75 -10.73 2.19 -12.05
N THR B 76 -11.97 1.76 -11.82
CA THR B 76 -13.06 2.65 -11.44
C THR B 76 -13.70 2.19 -10.15
N VAL B 77 -13.91 3.12 -9.22
CA VAL B 77 -14.66 2.86 -7.99
C VAL B 77 -15.98 3.58 -8.13
N LYS B 78 -17.07 2.84 -8.19
CA LYS B 78 -18.39 3.44 -8.32
C LYS B 78 -18.95 3.74 -6.92
N VAL B 79 -19.27 5.01 -6.66
CA VAL B 79 -19.77 5.45 -5.36
C VAL B 79 -21.26 5.71 -5.48
N VAL B 80 -22.02 5.15 -4.53
N VAL B 80 -22.06 5.05 -4.64
CA VAL B 80 -23.48 5.08 -4.56
CA VAL B 80 -23.50 5.24 -4.70
C VAL B 80 -24.06 5.68 -3.29
C VAL B 80 -24.11 5.61 -3.34
N ASP B 81 -25.19 6.38 -3.41
CA ASP B 81 -26.01 6.65 -2.21
C ASP B 81 -26.61 5.38 -1.63
N PRO B 82 -26.70 5.26 -0.30
CA PRO B 82 -27.33 4.06 0.27
C PRO B 82 -28.82 4.05 -0.01
N ARG B 83 -29.38 2.85 -0.03
CA ARG B 83 -30.82 2.64 -0.31
C ARG B 83 -31.56 2.29 0.97
NA NA C . 0.42 12.75 12.21
NA NA D . 2.68 -7.27 -15.82
#